data_8K5D
#
_entry.id   8K5D
#
_cell.length_a   1.00
_cell.length_b   1.00
_cell.length_c   1.00
_cell.angle_alpha   90.00
_cell.angle_beta   90.00
_cell.angle_gamma   90.00
#
_symmetry.space_group_name_H-M   'P 1'
#
loop_
_entity.id
_entity.type
_entity.pdbx_description
1 polymer 'Human hydroxycarboxylic acid receptor 2'
2 non-polymer 8-chloranyl-3-pentyl-7H-purine-2,6-dione
#
_entity_poly.entity_id   1
_entity_poly.type   'polypeptide(L)'
_entity_poly.pdbx_seq_one_letter_code
;GPGAPADLEDNWETLNDNLKVIEKADNAAQVKDALTKMRAAALDAQKATPPKLEDKSPDSPEMKDFRHGFDILVGQIDDA
LKLANEGKVKEAQAAAEQLKTTRNAYIQKYLEFMNRHHLQDHFLEIDKKNCCVFRDDFIVKVLPPVLGLEFIFGLLGNGL
ALWIFCFHLKSWKSSRIFLFNLAVADFLLIICLPFLMDNYVRRWDWKFGDIPCRLMLFMLAMNRQGSIIFLTVVAVDRYF
RVVHPHHALNKISNRTAAIISCLLWGITIGLTVHLLKKKMPIQNGGANLCSSFSICHTFQWHEAMFLLEFFLPLGIILFC
SARIIWSLRQRQMDRHAKIKRAITFIMVVAIVFVICFLPSVVVRIRIFWLLHTSGTQNCEVYRSVDLAFFITLSFTYMNS
MLDPVVYYFSSPSFPNFFSTLINRCLQRKMTGEPDNNRSTSVELTGDPNKTRGAPEALMANSGEPWSPSYLGPTSP
;
_entity_poly.pdbx_strand_id   A
#
loop_
_chem_comp.id
_chem_comp.type
_chem_comp.name
_chem_comp.formula
OKL non-polymer 8-chloranyl-3-pentyl-7H-purine-2,6-dione 'C10 H13 Cl N4 O2'
#
# COMPACT_ATOMS: atom_id res chain seq x y z
N HIS A 122 19.40 4.10 -21.08
CA HIS A 122 19.85 4.99 -20.00
C HIS A 122 19.05 6.28 -19.98
N PHE A 123 19.61 7.34 -20.57
CA PHE A 123 18.93 8.63 -20.59
C PHE A 123 17.70 8.58 -21.48
N LEU A 124 16.66 9.31 -21.07
CA LEU A 124 15.41 9.36 -21.83
C LEU A 124 14.68 10.64 -21.45
N GLU A 125 13.75 11.04 -22.32
CA GLU A 125 12.92 12.22 -22.10
C GLU A 125 11.45 11.80 -22.10
N ILE A 126 10.74 12.14 -21.03
CA ILE A 126 9.32 11.88 -20.89
C ILE A 126 8.64 13.18 -20.52
N ASP A 127 7.76 13.66 -21.40
CA ASP A 127 7.04 14.92 -21.19
C ASP A 127 7.99 16.07 -20.87
N LYS A 128 9.02 16.20 -21.72
CA LYS A 128 10.06 17.22 -21.54
C LYS A 128 10.71 17.09 -20.15
N LYS A 129 10.88 15.86 -19.70
CA LYS A 129 11.43 15.57 -18.38
C LYS A 129 12.57 14.58 -18.54
N ASN A 130 13.74 14.92 -17.99
CA ASN A 130 14.92 14.06 -18.12
C ASN A 130 14.83 12.94 -17.09
N CYS A 131 14.70 11.70 -17.57
CA CYS A 131 14.58 10.54 -16.71
C CYS A 131 15.59 9.49 -17.12
N CYS A 132 15.87 8.55 -16.21
CA CYS A 132 16.84 7.49 -16.43
C CYS A 132 16.18 6.14 -16.11
N VAL A 133 15.54 5.54 -17.10
CA VAL A 133 14.94 4.22 -16.95
C VAL A 133 16.03 3.17 -17.05
N PHE A 134 15.72 1.94 -16.66
CA PHE A 134 16.71 0.87 -16.69
C PHE A 134 16.00 -0.47 -16.85
N ARG A 135 16.32 -1.18 -17.94
CA ARG A 135 15.84 -2.53 -18.20
C ARG A 135 17.05 -3.46 -18.06
N ASP A 136 17.24 -3.99 -16.86
CA ASP A 136 18.39 -4.82 -16.55
C ASP A 136 17.95 -6.23 -16.21
N ASP A 137 18.92 -7.08 -15.90
CA ASP A 137 18.65 -8.44 -15.46
C ASP A 137 18.48 -8.44 -13.94
N PHE A 138 18.43 -9.64 -13.35
CA PHE A 138 18.20 -9.84 -11.92
C PHE A 138 16.81 -9.36 -11.52
N ILE A 139 16.03 -8.89 -12.49
CA ILE A 139 14.62 -8.55 -12.27
C ILE A 139 13.71 -9.75 -12.54
N VAL A 140 14.14 -10.67 -13.40
CA VAL A 140 13.34 -11.84 -13.74
C VAL A 140 13.80 -13.02 -12.88
N LYS A 141 14.51 -12.71 -11.80
CA LYS A 141 15.05 -13.74 -10.93
C LYS A 141 14.38 -13.73 -9.56
N VAL A 142 14.25 -12.55 -8.96
CA VAL A 142 13.70 -12.43 -7.62
C VAL A 142 12.22 -12.04 -7.67
N LEU A 143 11.90 -11.01 -8.44
CA LEU A 143 10.54 -10.43 -8.44
C LEU A 143 9.44 -11.41 -8.86
N PRO A 144 9.56 -12.18 -9.93
CA PRO A 144 8.48 -13.12 -10.28
C PRO A 144 8.29 -14.28 -9.30
N PRO A 145 9.36 -14.95 -8.77
CA PRO A 145 9.08 -15.94 -7.73
C PRO A 145 8.36 -15.40 -6.50
N VAL A 146 8.73 -14.20 -6.02
CA VAL A 146 8.05 -13.68 -4.84
C VAL A 146 6.63 -13.25 -5.20
N LEU A 147 6.44 -12.63 -6.37
CA LEU A 147 5.11 -12.18 -6.76
C LEU A 147 4.15 -13.34 -6.95
N GLY A 148 4.63 -14.45 -7.51
CA GLY A 148 3.75 -15.60 -7.71
C GLY A 148 3.24 -16.17 -6.40
N LEU A 149 4.15 -16.36 -5.44
CA LEU A 149 3.73 -16.86 -4.14
C LEU A 149 2.85 -15.85 -3.42
N GLU A 150 3.14 -14.56 -3.56
CA GLU A 150 2.27 -13.53 -3.00
C GLU A 150 0.86 -13.66 -3.54
N PHE A 151 0.72 -13.83 -4.86
CA PHE A 151 -0.59 -13.97 -5.48
C PHE A 151 -1.30 -15.22 -4.99
N ILE A 152 -0.60 -16.36 -4.98
CA ILE A 152 -1.27 -17.62 -4.63
C ILE A 152 -1.56 -17.74 -3.14
N PHE A 153 -0.92 -16.93 -2.29
CA PHE A 153 -1.30 -16.92 -0.88
C PHE A 153 -2.37 -15.88 -0.59
N GLY A 154 -2.28 -14.71 -1.22
CA GLY A 154 -3.30 -13.69 -1.05
C GLY A 154 -4.64 -14.13 -1.58
N LEU A 155 -4.65 -14.90 -2.67
CA LEU A 155 -5.92 -15.43 -3.16
C LEU A 155 -6.64 -16.21 -2.09
N LEU A 156 -5.97 -17.18 -1.48
CA LEU A 156 -6.61 -18.01 -0.46
C LEU A 156 -6.99 -17.19 0.76
N GLY A 157 -6.07 -16.35 1.25
CA GLY A 157 -6.36 -15.58 2.45
C GLY A 157 -7.54 -14.64 2.26
N ASN A 158 -7.53 -13.85 1.18
CA ASN A 158 -8.60 -12.90 0.94
C ASN A 158 -9.89 -13.58 0.55
N GLY A 159 -9.83 -14.74 -0.12
CA GLY A 159 -11.05 -15.48 -0.40
C GLY A 159 -11.71 -15.98 0.86
N LEU A 160 -10.91 -16.51 1.79
CA LEU A 160 -11.47 -16.93 3.08
C LEU A 160 -12.01 -15.75 3.86
N ALA A 161 -11.31 -14.61 3.83
CA ALA A 161 -11.81 -13.42 4.53
C ALA A 161 -13.14 -12.96 3.95
N LEU A 162 -13.24 -12.88 2.63
CA LEU A 162 -14.47 -12.43 1.99
C LEU A 162 -15.59 -13.43 2.19
N TRP A 163 -15.27 -14.73 2.23
CA TRP A 163 -16.28 -15.74 2.51
C TRP A 163 -16.83 -15.58 3.93
N ILE A 164 -15.94 -15.42 4.91
CA ILE A 164 -16.38 -15.22 6.29
C ILE A 164 -17.05 -13.87 6.50
N PHE A 165 -16.83 -12.92 5.60
CA PHE A 165 -17.45 -11.59 5.73
C PHE A 165 -18.83 -11.54 5.08
N CYS A 166 -18.89 -11.77 3.77
CA CYS A 166 -20.14 -11.55 3.04
C CYS A 166 -21.17 -12.63 3.33
N PHE A 167 -20.77 -13.90 3.31
CA PHE A 167 -21.72 -15.01 3.32
C PHE A 167 -21.88 -15.64 4.70
N HIS A 168 -20.79 -16.15 5.27
CA HIS A 168 -20.90 -16.99 6.46
C HIS A 168 -21.28 -16.21 7.71
N LEU A 169 -21.11 -14.90 7.71
CA LEU A 169 -21.46 -14.07 8.87
C LEU A 169 -22.42 -12.97 8.43
N LYS A 170 -23.44 -12.74 9.25
CA LYS A 170 -24.42 -11.67 9.01
C LYS A 170 -24.49 -10.81 10.28
N SER A 171 -23.55 -9.88 10.41
CA SER A 171 -23.57 -8.88 11.46
C SER A 171 -22.63 -7.76 11.04
N TRP A 172 -23.17 -6.59 10.73
CA TRP A 172 -22.39 -5.48 10.20
C TRP A 172 -22.26 -4.40 11.28
N LYS A 173 -21.10 -4.37 11.93
CA LYS A 173 -20.76 -3.32 12.87
C LYS A 173 -19.82 -2.32 12.20
N SER A 174 -19.73 -1.13 12.81
CA SER A 174 -19.04 -0.02 12.16
C SER A 174 -17.58 -0.33 11.89
N SER A 175 -16.89 -0.94 12.85
CA SER A 175 -15.51 -1.35 12.60
C SER A 175 -15.43 -2.44 11.54
N ARG A 176 -16.43 -3.32 11.49
CA ARG A 176 -16.41 -4.38 10.48
C ARG A 176 -16.60 -3.82 9.08
N ILE A 177 -17.30 -2.69 8.93
CA ILE A 177 -17.39 -2.08 7.59
C ILE A 177 -16.02 -1.62 7.13
N PHE A 178 -15.25 -0.98 8.03
CA PHE A 178 -13.90 -0.55 7.66
C PHE A 178 -13.02 -1.75 7.36
N LEU A 179 -13.13 -2.81 8.15
CA LEU A 179 -12.35 -4.02 7.87
C LEU A 179 -12.72 -4.61 6.52
N PHE A 180 -14.01 -4.62 6.18
CA PHE A 180 -14.44 -5.12 4.89
C PHE A 180 -13.92 -4.25 3.76
N ASN A 181 -13.89 -2.93 3.95
CA ASN A 181 -13.31 -2.05 2.93
C ASN A 181 -11.85 -2.37 2.71
N LEU A 182 -11.10 -2.57 3.81
CA LEU A 182 -9.70 -2.94 3.69
C LEU A 182 -9.55 -4.28 2.96
N ALA A 183 -10.43 -5.23 3.26
CA ALA A 183 -10.38 -6.54 2.60
C ALA A 183 -10.67 -6.42 1.11
N VAL A 184 -11.63 -5.56 0.74
CA VAL A 184 -11.95 -5.35 -0.66
C VAL A 184 -10.76 -4.76 -1.39
N ALA A 185 -10.12 -3.74 -0.78
CA ALA A 185 -8.95 -3.14 -1.40
C ALA A 185 -7.83 -4.16 -1.56
N ASP A 186 -7.59 -4.97 -0.53
CA ASP A 186 -6.54 -5.98 -0.60
C ASP A 186 -6.84 -7.01 -1.68
N PHE A 187 -8.10 -7.44 -1.79
CA PHE A 187 -8.46 -8.43 -2.80
C PHE A 187 -8.29 -7.87 -4.20
N LEU A 188 -8.70 -6.62 -4.42
CA LEU A 188 -8.52 -6.03 -5.74
C LEU A 188 -7.05 -5.88 -6.08
N LEU A 189 -6.22 -5.50 -5.10
CA LEU A 189 -4.79 -5.40 -5.33
C LEU A 189 -4.20 -6.77 -5.66
N ILE A 190 -4.63 -7.81 -4.95
CA ILE A 190 -4.12 -9.15 -5.21
C ILE A 190 -4.52 -9.61 -6.61
N ILE A 191 -5.76 -9.32 -7.03
CA ILE A 191 -6.18 -9.65 -8.38
C ILE A 191 -5.30 -8.91 -9.40
N CYS A 192 -5.02 -7.64 -9.14
CA CYS A 192 -4.15 -6.87 -10.04
C CYS A 192 -2.74 -7.46 -10.08
N LEU A 193 -2.31 -8.10 -8.99
CA LEU A 193 -0.94 -8.61 -8.91
C LEU A 193 -0.58 -9.58 -10.04
N PRO A 194 -1.46 -10.47 -10.49
CA PRO A 194 -1.05 -11.41 -11.56
C PRO A 194 -0.56 -10.72 -12.82
N PHE A 195 -1.17 -9.60 -13.20
CA PHE A 195 -0.68 -8.85 -14.34
C PHE A 195 0.70 -8.28 -14.08
N LEU A 196 0.97 -7.86 -12.85
CA LEU A 196 2.32 -7.42 -12.50
C LEU A 196 3.32 -8.56 -12.64
N MET A 197 2.95 -9.76 -12.20
CA MET A 197 3.85 -10.90 -12.35
C MET A 197 4.12 -11.18 -13.82
N ASP A 198 3.07 -11.11 -14.66
CA ASP A 198 3.26 -11.30 -16.08
C ASP A 198 4.15 -10.23 -16.68
N ASN A 199 4.03 -8.99 -16.20
CA ASN A 199 4.85 -7.90 -16.72
C ASN A 199 6.32 -8.09 -16.38
N TYR A 200 6.62 -8.34 -15.10
CA TYR A 200 8.02 -8.55 -14.72
C TYR A 200 8.61 -9.83 -15.30
N VAL A 201 7.79 -10.83 -15.60
CA VAL A 201 8.32 -12.03 -16.25
C VAL A 201 8.89 -11.68 -17.62
N ARG A 202 8.20 -10.82 -18.37
CA ARG A 202 8.61 -10.43 -19.70
C ARG A 202 9.78 -9.44 -19.72
N ARG A 203 10.42 -9.21 -18.57
CA ARG A 203 11.54 -8.28 -18.45
C ARG A 203 11.16 -6.88 -18.90
N TRP A 204 10.14 -6.33 -18.24
CA TRP A 204 9.64 -4.98 -18.48
C TRP A 204 9.20 -4.82 -19.94
N ASP A 205 8.18 -5.59 -20.31
CA ASP A 205 7.58 -5.52 -21.64
C ASP A 205 6.08 -5.73 -21.50
N TRP A 206 5.33 -4.64 -21.45
CA TRP A 206 3.87 -4.71 -21.32
C TRP A 206 3.27 -5.10 -22.66
N LYS A 207 2.73 -6.32 -22.74
CA LYS A 207 2.17 -6.85 -23.98
C LYS A 207 0.65 -6.95 -23.91
N PHE A 208 0.02 -5.94 -23.31
CA PHE A 208 -1.43 -5.92 -23.14
C PHE A 208 -2.09 -4.83 -23.96
N GLY A 209 -1.66 -3.58 -23.79
CA GLY A 209 -2.27 -2.48 -24.50
C GLY A 209 -2.03 -1.18 -23.77
N ASP A 210 -2.76 -0.15 -24.19
CA ASP A 210 -2.64 1.19 -23.60
C ASP A 210 -3.70 1.46 -22.55
N ILE A 211 -4.97 1.16 -22.84
CA ILE A 211 -6.01 1.29 -21.82
C ILE A 211 -5.76 0.37 -20.64
N PRO A 212 -5.43 -0.93 -20.82
CA PRO A 212 -5.14 -1.77 -19.65
C PRO A 212 -3.97 -1.28 -18.83
N CYS A 213 -2.96 -0.67 -19.45
CA CYS A 213 -1.81 -0.19 -18.69
C CYS A 213 -2.20 0.96 -17.76
N ARG A 214 -2.88 1.97 -18.30
CA ARG A 214 -3.32 3.09 -17.48
C ARG A 214 -4.30 2.61 -16.41
N LEU A 215 -5.20 1.70 -16.77
CA LEU A 215 -6.13 1.16 -15.79
C LEU A 215 -5.39 0.44 -14.67
N MET A 216 -4.35 -0.33 -15.02
CA MET A 216 -3.60 -1.07 -14.02
C MET A 216 -2.83 -0.14 -13.10
N LEU A 217 -2.21 0.90 -13.66
CA LEU A 217 -1.51 1.86 -12.80
C LEU A 217 -2.48 2.57 -11.87
N PHE A 218 -3.63 2.96 -12.40
CA PHE A 218 -4.66 3.62 -11.59
C PHE A 218 -5.12 2.70 -10.47
N MET A 219 -5.39 1.43 -10.76
CA MET A 219 -5.82 0.49 -9.74
C MET A 219 -4.72 0.28 -8.69
N LEU A 220 -3.48 0.12 -9.13
CA LEU A 220 -2.39 -0.08 -8.19
C LEU A 220 -2.32 1.07 -7.20
N ALA A 221 -2.24 2.30 -7.72
CA ALA A 221 -2.14 3.46 -6.84
C ALA A 221 -3.37 3.59 -5.95
N MET A 222 -4.56 3.42 -6.53
CA MET A 222 -5.79 3.68 -5.79
C MET A 222 -5.97 2.70 -4.65
N ASN A 223 -5.80 1.40 -4.90
CA ASN A 223 -5.94 0.46 -3.79
C ASN A 223 -4.76 0.45 -2.84
N ARG A 224 -3.55 0.82 -3.25
CA ARG A 224 -2.50 1.01 -2.25
C ARG A 224 -2.86 2.13 -1.29
N GLN A 225 -3.28 3.28 -1.83
CA GLN A 225 -3.66 4.39 -0.97
C GLN A 225 -4.90 4.05 -0.15
N GLY A 226 -5.82 3.29 -0.72
CA GLY A 226 -7.00 2.88 0.02
C GLY A 226 -6.67 1.94 1.17
N SER A 227 -5.76 0.99 0.94
CA SER A 227 -5.33 0.12 2.02
C SER A 227 -4.69 0.92 3.14
N ILE A 228 -3.81 1.87 2.79
CA ILE A 228 -3.17 2.68 3.82
C ILE A 228 -4.19 3.53 4.58
N ILE A 229 -5.12 4.14 3.84
CA ILE A 229 -6.12 5.02 4.46
C ILE A 229 -7.03 4.22 5.39
N PHE A 230 -7.45 3.03 4.96
CA PHE A 230 -8.34 2.24 5.81
C PHE A 230 -7.59 1.65 7.00
N LEU A 231 -6.30 1.34 6.84
CA LEU A 231 -5.50 0.96 8.00
C LEU A 231 -5.43 2.10 9.01
N THR A 232 -5.23 3.33 8.52
CA THR A 232 -5.24 4.48 9.41
C THR A 232 -6.59 4.66 10.09
N VAL A 233 -7.68 4.44 9.33
CA VAL A 233 -9.02 4.60 9.88
C VAL A 233 -9.28 3.57 10.97
N VAL A 234 -8.86 2.31 10.74
CA VAL A 234 -9.01 1.29 11.77
C VAL A 234 -8.19 1.64 13.00
N ALA A 235 -6.97 2.13 12.80
CA ALA A 235 -6.14 2.53 13.94
C ALA A 235 -6.80 3.67 14.73
N VAL A 236 -7.35 4.66 14.03
CA VAL A 236 -8.03 5.78 14.70
C VAL A 236 -9.25 5.28 15.44
N ASP A 237 -9.99 4.35 14.85
CA ASP A 237 -11.16 3.79 15.51
C ASP A 237 -10.75 3.08 16.80
N ARG A 238 -9.66 2.30 16.76
CA ARG A 238 -9.19 1.64 17.97
C ARG A 238 -8.74 2.66 19.01
N TYR A 239 -8.08 3.73 18.56
CA TYR A 239 -7.67 4.80 19.48
C TYR A 239 -8.87 5.40 20.17
N PHE A 240 -9.95 5.67 19.43
CA PHE A 240 -11.15 6.21 20.05
C PHE A 240 -11.83 5.20 20.96
N ARG A 241 -11.81 3.92 20.59
CA ARG A 241 -12.42 2.90 21.44
C ARG A 241 -11.69 2.77 22.77
N VAL A 242 -10.37 2.85 22.75
CA VAL A 242 -9.58 2.53 23.95
C VAL A 242 -9.34 3.77 24.80
N VAL A 243 -8.96 4.89 24.20
CA VAL A 243 -8.57 6.06 24.98
C VAL A 243 -9.77 6.96 25.29
N HIS A 244 -10.69 7.11 24.34
CA HIS A 244 -11.84 8.01 24.48
C HIS A 244 -13.13 7.19 24.37
N PRO A 245 -13.41 6.35 25.37
CA PRO A 245 -14.55 5.44 25.25
C PRO A 245 -15.90 6.14 25.22
N HIS A 246 -15.99 7.38 25.69
CA HIS A 246 -17.26 8.09 25.80
C HIS A 246 -17.49 9.08 24.66
N HIS A 247 -16.66 9.05 23.62
CA HIS A 247 -16.85 9.96 22.51
C HIS A 247 -17.97 9.47 21.59
N ALA A 248 -18.47 10.39 20.77
CA ALA A 248 -19.56 10.04 19.87
C ALA A 248 -19.11 9.06 18.79
N LEU A 249 -17.89 9.22 18.28
CA LEU A 249 -17.41 8.42 17.15
C LEU A 249 -17.27 6.95 17.51
N ASN A 250 -17.53 6.60 18.77
CA ASN A 250 -17.49 5.21 19.18
C ASN A 250 -18.84 4.50 19.05
N LYS A 251 -19.90 5.23 18.73
CA LYS A 251 -21.23 4.64 18.60
C LYS A 251 -21.97 5.20 17.40
N ILE A 252 -21.25 5.41 16.29
CA ILE A 252 -21.88 5.99 15.11
C ILE A 252 -22.84 5.00 14.47
N SER A 253 -23.70 5.52 13.61
CA SER A 253 -24.67 4.71 12.89
C SER A 253 -24.05 4.16 11.62
N ASN A 254 -24.72 3.17 11.03
CA ASN A 254 -24.22 2.56 9.80
C ASN A 254 -24.26 3.53 8.63
N ARG A 255 -25.24 4.44 8.60
CA ARG A 255 -25.31 5.42 7.53
C ARG A 255 -24.08 6.30 7.51
N THR A 256 -23.68 6.80 8.67
CA THR A 256 -22.49 7.66 8.75
C THR A 256 -21.24 6.89 8.37
N ALA A 257 -21.13 5.64 8.79
CA ALA A 257 -19.95 4.84 8.45
C ALA A 257 -19.87 4.59 6.94
N ALA A 258 -21.01 4.29 6.32
CA ALA A 258 -21.03 4.09 4.87
C ALA A 258 -20.68 5.39 4.14
N ILE A 259 -21.20 6.52 4.63
CA ILE A 259 -20.88 7.80 4.02
C ILE A 259 -19.38 8.09 4.13
N ILE A 260 -18.79 7.80 5.29
CA ILE A 260 -17.36 8.00 5.47
C ILE A 260 -16.57 7.09 4.54
N SER A 261 -17.00 5.84 4.40
CA SER A 261 -16.32 4.92 3.50
C SER A 261 -16.36 5.43 2.06
N CYS A 262 -17.53 5.88 1.61
CA CYS A 262 -17.65 6.40 0.26
C CYS A 262 -16.82 7.67 0.09
N LEU A 263 -16.76 8.51 1.12
CA LEU A 263 -15.96 9.73 1.05
C LEU A 263 -14.48 9.40 0.93
N LEU A 264 -14.00 8.41 1.70
CA LEU A 264 -12.59 8.03 1.61
C LEU A 264 -12.26 7.43 0.25
N TRP A 265 -13.16 6.59 -0.28
CA TRP A 265 -12.95 6.07 -1.63
C TRP A 265 -12.91 7.20 -2.65
N GLY A 266 -13.82 8.17 -2.52
CA GLY A 266 -13.81 9.30 -3.42
C GLY A 266 -12.54 10.12 -3.32
N ILE A 267 -12.02 10.29 -2.11
CA ILE A 267 -10.75 10.99 -1.94
C ILE A 267 -9.63 10.25 -2.65
N THR A 268 -9.62 8.91 -2.53
CA THR A 268 -8.59 8.13 -3.20
C THR A 268 -8.67 8.31 -4.72
N ILE A 269 -9.87 8.18 -5.29
CA ILE A 269 -10.00 8.36 -6.73
C ILE A 269 -9.62 9.78 -7.12
N GLY A 270 -9.99 10.77 -6.30
CA GLY A 270 -9.62 12.14 -6.61
C GLY A 270 -8.12 12.35 -6.61
N LEU A 271 -7.41 11.62 -5.76
CA LEU A 271 -5.95 11.73 -5.74
C LEU A 271 -5.28 10.91 -6.83
N THR A 272 -5.98 9.96 -7.46
CA THR A 272 -5.35 9.16 -8.51
C THR A 272 -5.92 9.33 -9.92
N VAL A 273 -6.89 10.23 -10.14
CA VAL A 273 -7.25 10.50 -11.54
C VAL A 273 -6.07 11.07 -12.32
N HIS A 274 -5.16 11.78 -11.64
CA HIS A 274 -4.01 12.32 -12.36
C HIS A 274 -3.09 11.21 -12.86
N LEU A 275 -2.96 10.12 -12.09
CA LEU A 275 -2.30 8.93 -12.61
C LEU A 275 -3.11 8.29 -13.71
N LEU A 276 -4.43 8.32 -13.60
CA LEU A 276 -5.29 7.77 -14.65
C LEU A 276 -5.11 8.49 -15.97
N LYS A 277 -4.75 9.78 -15.93
CA LYS A 277 -4.76 10.61 -17.14
C LYS A 277 -3.38 11.00 -17.65
N LYS A 278 -2.32 10.84 -16.85
CA LYS A 278 -1.06 11.54 -17.14
C LYS A 278 -0.37 10.99 -18.38
N LYS A 279 -0.29 9.66 -18.56
CA LYS A 279 0.41 9.13 -19.72
C LYS A 279 -0.03 7.70 -20.01
N MET A 280 0.45 7.19 -21.15
CA MET A 280 0.21 5.86 -21.69
C MET A 280 1.50 5.06 -21.68
N PRO A 281 1.50 3.79 -22.07
CA PRO A 281 2.76 3.06 -22.20
C PRO A 281 3.74 3.76 -23.12
N ILE A 282 5.01 3.73 -22.76
CA ILE A 282 6.04 4.49 -23.44
C ILE A 282 7.00 3.52 -24.13
N GLN A 283 7.20 3.73 -25.42
CA GLN A 283 8.17 2.95 -26.19
C GLN A 283 9.59 3.34 -25.81
N ASN A 284 10.45 2.34 -25.66
CA ASN A 284 11.86 2.59 -25.39
C ASN A 284 12.67 1.39 -25.87
N GLY A 285 13.82 1.69 -26.47
CA GLY A 285 14.66 0.65 -27.03
C GLY A 285 13.93 -0.19 -28.06
N GLY A 286 13.68 -1.45 -27.71
CA GLY A 286 12.91 -2.33 -28.58
C GLY A 286 11.62 -2.80 -27.94
N ALA A 287 11.34 -2.32 -26.73
CA ALA A 287 10.15 -2.75 -26.00
C ALA A 287 9.34 -1.56 -25.51
N ASN A 288 8.34 -1.83 -24.67
CA ASN A 288 7.51 -0.78 -24.10
C ASN A 288 7.49 -0.92 -22.58
N LEU A 289 7.51 0.21 -21.89
CA LEU A 289 7.45 0.25 -20.44
C LEU A 289 6.15 0.90 -20.00
N CYS A 290 5.51 0.30 -19.00
CA CYS A 290 4.27 0.81 -18.42
C CYS A 290 4.52 0.97 -16.93
N SER A 291 4.99 2.15 -16.54
CA SER A 291 5.36 2.39 -15.16
C SER A 291 5.06 3.83 -14.79
N SER A 292 4.83 4.06 -13.50
CA SER A 292 4.65 5.40 -12.96
C SER A 292 5.70 5.78 -11.93
N PHE A 293 6.41 4.81 -11.35
CA PHE A 293 7.44 5.09 -10.35
C PHE A 293 8.82 5.20 -10.99
N SER A 294 8.92 6.03 -12.03
CA SER A 294 10.20 6.26 -12.67
C SER A 294 11.05 7.20 -11.82
N ILE A 295 12.22 7.57 -12.34
CA ILE A 295 13.10 8.52 -11.66
C ILE A 295 13.39 9.64 -12.64
N CYS A 296 12.94 10.85 -12.30
CA CYS A 296 13.10 12.02 -13.15
C CYS A 296 13.50 13.21 -12.29
N HIS A 297 14.16 14.18 -12.92
CA HIS A 297 14.69 15.35 -12.20
C HIS A 297 13.60 16.40 -12.05
N THR A 298 12.54 16.00 -11.34
CA THR A 298 11.47 16.92 -10.96
C THR A 298 10.73 16.33 -9.77
N PHE A 299 10.11 17.21 -8.99
CA PHE A 299 9.33 16.82 -7.82
C PHE A 299 7.86 17.13 -8.14
N GLN A 300 7.17 16.17 -8.75
CA GLN A 300 5.78 16.33 -9.10
C GLN A 300 4.91 16.09 -7.86
N TRP A 301 3.60 16.01 -8.06
CA TRP A 301 2.71 15.65 -6.98
C TRP A 301 2.76 14.16 -6.64
N HIS A 302 3.16 13.33 -7.59
CA HIS A 302 3.11 11.88 -7.39
C HIS A 302 4.08 11.44 -6.29
N GLU A 303 5.34 11.85 -6.38
CA GLU A 303 6.33 11.42 -5.39
C GLU A 303 6.05 12.04 -4.03
N ALA A 304 5.64 13.30 -4.01
CA ALA A 304 5.23 13.93 -2.76
C ALA A 304 4.02 13.21 -2.18
N MET A 305 3.10 12.76 -3.03
CA MET A 305 1.94 12.02 -2.55
C MET A 305 2.36 10.68 -1.97
N PHE A 306 3.36 10.02 -2.56
CA PHE A 306 3.88 8.78 -1.97
C PHE A 306 4.50 9.04 -0.60
N LEU A 307 5.33 10.09 -0.50
CA LEU A 307 5.95 10.39 0.78
C LEU A 307 4.90 10.73 1.83
N LEU A 308 3.85 11.46 1.44
CA LEU A 308 2.78 11.79 2.37
C LEU A 308 2.00 10.55 2.78
N GLU A 309 1.61 9.73 1.80
CA GLU A 309 0.84 8.51 2.07
C GLU A 309 1.63 7.50 2.87
N PHE A 310 2.94 7.70 3.01
CA PHE A 310 3.59 6.94 4.07
C PHE A 310 3.66 7.72 5.37
N PHE A 311 4.16 8.96 5.34
CA PHE A 311 4.56 9.64 6.58
C PHE A 311 3.36 10.03 7.43
N LEU A 312 2.35 10.67 6.83
CA LEU A 312 1.20 11.10 7.63
C LEU A 312 0.47 9.93 8.27
N PRO A 313 0.08 8.87 7.55
CA PRO A 313 -0.46 7.70 8.25
C PRO A 313 0.53 7.06 9.19
N LEU A 314 1.83 7.15 8.91
CA LEU A 314 2.82 6.66 9.87
C LEU A 314 2.69 7.39 11.19
N GLY A 315 2.61 8.72 11.13
CA GLY A 315 2.46 9.49 12.35
C GLY A 315 1.15 9.20 13.06
N ILE A 316 0.05 9.09 12.31
CA ILE A 316 -1.25 8.85 12.92
C ILE A 316 -1.28 7.49 13.59
N ILE A 317 -0.79 6.47 12.89
CA ILE A 317 -0.77 5.11 13.43
C ILE A 317 0.13 5.03 14.65
N LEU A 318 1.32 5.64 14.59
CA LEU A 318 2.22 5.61 15.74
C LEU A 318 1.61 6.30 16.94
N PHE A 319 0.99 7.47 16.73
CA PHE A 319 0.37 8.19 17.83
C PHE A 319 -0.77 7.37 18.44
N CYS A 320 -1.62 6.79 17.59
CA CYS A 320 -2.74 6.01 18.09
C CYS A 320 -2.26 4.78 18.85
N SER A 321 -1.28 4.06 18.30
CA SER A 321 -0.78 2.87 18.96
C SER A 321 -0.11 3.20 20.29
N ALA A 322 0.70 4.27 20.31
CA ALA A 322 1.35 4.66 21.56
C ALA A 322 0.33 5.06 22.61
N ARG A 323 -0.69 5.82 22.21
CA ARG A 323 -1.72 6.22 23.17
C ARG A 323 -2.51 5.02 23.67
N ILE A 324 -2.82 4.07 22.78
CA ILE A 324 -3.54 2.87 23.21
C ILE A 324 -2.72 2.09 24.22
N ILE A 325 -1.44 1.88 23.93
CA ILE A 325 -0.58 1.13 24.85
C ILE A 325 -0.48 1.85 26.19
N TRP A 326 -0.25 3.16 26.14
CA TRP A 326 -0.07 3.93 27.38
C TRP A 326 -1.34 3.91 28.22
N SER A 327 -2.50 4.11 27.59
CA SER A 327 -3.76 4.13 28.33
C SER A 327 -4.09 2.76 28.91
N LEU A 328 -3.89 1.69 28.13
CA LEU A 328 -4.18 0.36 28.63
C LEU A 328 -3.27 0.00 29.80
N ARG A 329 -1.99 0.38 29.72
CA ARG A 329 -1.07 0.07 30.82
C ARG A 329 -1.34 0.95 32.03
N GLN A 330 -1.75 2.22 31.82
CA GLN A 330 -1.95 3.13 32.93
C GLN A 330 -3.23 2.81 33.68
N ARG A 331 -4.29 2.44 32.97
CA ARG A 331 -5.57 2.15 33.61
C ARG A 331 -5.59 0.79 34.29
N GLN A 332 -4.43 0.15 34.47
CA GLN A 332 -4.32 -1.15 35.12
C GLN A 332 -5.21 -2.18 34.42
N MET A 333 -4.87 -2.44 33.16
CA MET A 333 -5.58 -3.42 32.35
C MET A 333 -4.71 -4.56 31.85
N ASP A 334 -3.39 -4.49 32.02
CA ASP A 334 -2.50 -5.54 31.52
C ASP A 334 -2.68 -6.86 32.24
N ARG A 335 -3.41 -6.89 33.36
CA ARG A 335 -3.67 -8.15 34.05
C ARG A 335 -4.52 -9.08 33.20
N HIS A 336 -5.47 -8.53 32.45
CA HIS A 336 -6.39 -9.35 31.65
C HIS A 336 -5.63 -10.13 30.60
N ALA A 337 -6.17 -11.30 30.25
CA ALA A 337 -5.48 -12.22 29.34
C ALA A 337 -5.60 -11.79 27.89
N LYS A 338 -6.83 -11.67 27.39
CA LYS A 338 -7.03 -11.36 25.98
C LYS A 338 -6.56 -9.95 25.65
N ILE A 339 -6.52 -9.07 26.64
CA ILE A 339 -6.05 -7.71 26.38
C ILE A 339 -4.55 -7.72 26.05
N LYS A 340 -3.81 -8.68 26.61
CA LYS A 340 -2.40 -8.81 26.24
C LYS A 340 -2.26 -9.22 24.78
N ARG A 341 -3.10 -10.13 24.32
CA ARG A 341 -3.11 -10.49 22.91
C ARG A 341 -3.48 -9.28 22.05
N ALA A 342 -4.46 -8.48 22.50
CA ALA A 342 -4.83 -7.28 21.74
C ALA A 342 -3.66 -6.31 21.65
N ILE A 343 -2.94 -6.11 22.75
CA ILE A 343 -1.79 -5.21 22.76
C ILE A 343 -0.71 -5.73 21.80
N THR A 344 -0.40 -7.02 21.89
CA THR A 344 0.65 -7.55 21.03
C THR A 344 0.22 -7.51 19.57
N PHE A 345 -1.07 -7.65 19.28
CA PHE A 345 -1.53 -7.61 17.90
C PHE A 345 -1.52 -6.20 17.32
N ILE A 346 -1.92 -5.19 18.10
CA ILE A 346 -1.78 -3.83 17.59
C ILE A 346 -0.31 -3.48 17.41
N MET A 347 0.56 -3.97 18.31
CA MET A 347 1.98 -3.72 18.17
C MET A 347 2.53 -4.36 16.90
N VAL A 348 2.16 -5.61 16.61
CA VAL A 348 2.69 -6.24 15.41
C VAL A 348 2.08 -5.60 14.16
N VAL A 349 0.85 -5.09 14.27
CA VAL A 349 0.27 -4.35 13.15
C VAL A 349 1.12 -3.13 12.81
N ALA A 350 1.47 -2.35 13.83
CA ALA A 350 2.33 -1.19 13.60
C ALA A 350 3.70 -1.61 13.05
N ILE A 351 4.27 -2.66 13.62
CA ILE A 351 5.61 -3.11 13.21
C ILE A 351 5.59 -3.58 11.76
N VAL A 352 4.57 -4.35 11.38
CA VAL A 352 4.51 -4.89 10.03
C VAL A 352 4.24 -3.77 9.02
N PHE A 353 3.41 -2.78 9.40
CA PHE A 353 3.23 -1.63 8.53
C PHE A 353 4.56 -0.93 8.28
N VAL A 354 5.32 -0.68 9.35
CA VAL A 354 6.61 0.01 9.21
C VAL A 354 7.56 -0.83 8.37
N ILE A 355 7.63 -2.14 8.63
CA ILE A 355 8.56 -3.00 7.92
C ILE A 355 8.22 -3.07 6.44
N CYS A 356 6.93 -3.14 6.12
CA CYS A 356 6.51 -3.28 4.73
C CYS A 356 6.65 -1.98 3.95
N PHE A 357 6.48 -0.83 4.60
CA PHE A 357 6.48 0.43 3.88
C PHE A 357 7.75 1.25 4.07
N LEU A 358 8.72 0.78 4.85
CA LEU A 358 9.92 1.55 5.09
C LEU A 358 10.97 1.44 3.97
N PRO A 359 11.31 0.23 3.49
CA PRO A 359 12.35 0.15 2.45
C PRO A 359 12.03 0.94 1.20
N SER A 360 10.77 0.96 0.77
CA SER A 360 10.41 1.69 -0.44
C SER A 360 10.67 3.18 -0.27
N VAL A 361 10.17 3.77 0.81
CA VAL A 361 10.36 5.19 1.03
C VAL A 361 11.82 5.52 1.29
N VAL A 362 12.56 4.61 1.94
CA VAL A 362 13.97 4.87 2.20
C VAL A 362 14.76 4.91 0.89
N VAL A 363 14.50 3.95 0.01
CA VAL A 363 15.17 3.97 -1.29
C VAL A 363 14.74 5.17 -2.11
N ARG A 364 13.47 5.58 -2.00
CA ARG A 364 13.01 6.77 -2.70
C ARG A 364 13.73 8.02 -2.22
N ILE A 365 13.90 8.16 -0.91
CA ILE A 365 14.62 9.32 -0.38
C ILE A 365 16.08 9.26 -0.79
N ARG A 366 16.68 8.06 -0.79
CA ARG A 366 18.07 7.93 -1.20
C ARG A 366 18.26 8.32 -2.66
N ILE A 367 17.34 7.89 -3.54
CA ILE A 367 17.46 8.25 -4.94
C ILE A 367 17.16 9.73 -5.14
N PHE A 368 16.28 10.32 -4.32
CA PHE A 368 16.09 11.76 -4.36
C PHE A 368 17.37 12.50 -4.00
N TRP A 369 18.08 12.03 -2.97
CA TRP A 369 19.33 12.68 -2.59
C TRP A 369 20.38 12.52 -3.68
N LEU A 370 20.50 11.31 -4.23
CA LEU A 370 21.41 11.10 -5.35
C LEU A 370 20.98 11.86 -6.60
N LEU A 371 19.73 12.31 -6.65
CA LEU A 371 19.25 13.10 -7.77
C LEU A 371 19.62 14.57 -7.61
N HIS A 372 19.32 15.15 -6.44
CA HIS A 372 19.62 16.56 -6.23
C HIS A 372 21.12 16.83 -6.27
N THR A 373 21.89 16.08 -5.49
CA THR A 373 23.33 16.13 -5.59
C THR A 373 23.77 15.36 -6.82
N SER A 374 24.57 15.99 -7.68
CA SER A 374 24.90 15.45 -9.01
C SER A 374 23.57 15.29 -9.74
N GLY A 375 23.28 14.13 -10.30
CA GLY A 375 21.99 13.93 -10.97
C GLY A 375 22.08 14.20 -12.46
N THR A 376 21.18 13.55 -13.20
CA THR A 376 21.14 13.60 -14.67
C THR A 376 22.50 13.26 -15.29
N GLN A 377 23.36 12.60 -14.53
CA GLN A 377 24.67 12.18 -14.99
C GLN A 377 24.52 10.84 -15.71
N ASN A 378 25.64 10.12 -15.91
CA ASN A 378 25.65 8.80 -16.54
C ASN A 378 24.54 7.90 -16.02
N CYS A 379 24.12 8.12 -14.77
CA CYS A 379 22.97 7.47 -14.14
C CYS A 379 23.20 6.00 -13.85
N GLU A 380 24.42 5.48 -14.08
CA GLU A 380 24.72 4.14 -13.61
C GLU A 380 24.69 4.06 -12.09
N VAL A 381 25.06 5.14 -11.42
CA VAL A 381 24.99 5.18 -9.96
C VAL A 381 23.56 5.00 -9.48
N TYR A 382 22.58 5.38 -10.30
CA TYR A 382 21.19 5.11 -9.97
C TYR A 382 20.91 3.61 -9.93
N ARG A 383 21.46 2.87 -10.89
CA ARG A 383 21.09 1.46 -11.05
C ARG A 383 21.38 0.65 -9.80
N SER A 384 22.53 0.90 -9.16
CA SER A 384 22.89 0.15 -7.96
C SER A 384 21.80 0.23 -6.91
N VAL A 385 21.09 1.35 -6.83
CA VAL A 385 19.97 1.47 -5.91
C VAL A 385 18.63 1.28 -6.61
N ASP A 386 18.57 1.44 -7.94
CA ASP A 386 17.29 1.31 -8.63
C ASP A 386 16.73 -0.09 -8.50
N LEU A 387 17.58 -1.11 -8.69
CA LEU A 387 17.14 -2.49 -8.48
C LEU A 387 16.71 -2.71 -7.04
N ALA A 388 17.27 -1.94 -6.11
CA ALA A 388 16.85 -2.06 -4.72
C ALA A 388 15.43 -1.54 -4.52
N PHE A 389 14.99 -0.60 -5.37
CA PHE A 389 13.67 -0.02 -5.18
C PHE A 389 12.57 -1.03 -5.52
N PHE A 390 12.52 -1.47 -6.77
CA PHE A 390 11.38 -2.25 -7.25
C PHE A 390 11.20 -3.54 -6.47
N ILE A 391 12.29 -4.22 -6.15
CA ILE A 391 12.21 -5.40 -5.29
C ILE A 391 11.44 -5.07 -4.02
N THR A 392 11.88 -4.05 -3.28
CA THR A 392 11.19 -3.64 -2.07
C THR A 392 9.76 -3.22 -2.33
N LEU A 393 9.45 -2.75 -3.54
CA LEU A 393 8.06 -2.44 -3.87
C LEU A 393 7.18 -3.67 -3.71
N SER A 394 7.64 -4.82 -4.22
CA SER A 394 6.88 -6.04 -4.03
C SER A 394 6.69 -6.37 -2.56
N PHE A 395 7.64 -5.95 -1.71
CA PHE A 395 7.50 -6.18 -0.28
C PHE A 395 6.22 -5.56 0.26
N THR A 396 5.79 -4.43 -0.30
CA THR A 396 4.55 -3.82 0.17
C THR A 396 3.35 -4.73 -0.01
N TYR A 397 3.34 -5.54 -1.07
CA TYR A 397 2.24 -6.48 -1.25
C TYR A 397 2.19 -7.54 -0.16
N MET A 398 3.34 -7.83 0.47
CA MET A 398 3.31 -8.72 1.63
C MET A 398 2.41 -8.15 2.72
N ASN A 399 2.37 -6.82 2.85
CA ASN A 399 1.39 -6.20 3.75
C ASN A 399 -0.01 -6.70 3.43
N SER A 400 -0.41 -6.64 2.17
CA SER A 400 -1.74 -7.11 1.79
C SER A 400 -1.92 -8.59 2.15
N MET A 401 -0.83 -9.36 2.15
CA MET A 401 -0.93 -10.76 2.52
C MET A 401 -1.07 -10.92 4.03
N LEU A 402 -0.39 -10.08 4.81
CA LEU A 402 -0.34 -10.30 6.25
C LEU A 402 -1.53 -9.76 7.00
N ASP A 403 -2.28 -8.80 6.43
CA ASP A 403 -3.46 -8.28 7.12
C ASP A 403 -4.49 -9.37 7.42
N PRO A 404 -4.83 -10.28 6.51
CA PRO A 404 -5.78 -11.34 6.89
C PRO A 404 -5.30 -12.17 8.08
N VAL A 405 -3.98 -12.37 8.21
CA VAL A 405 -3.46 -13.16 9.32
C VAL A 405 -3.74 -12.46 10.65
N VAL A 406 -3.55 -11.15 10.71
CA VAL A 406 -3.58 -10.42 11.97
C VAL A 406 -4.92 -9.73 12.20
N TYR A 407 -5.50 -9.16 11.14
CA TYR A 407 -6.68 -8.32 11.33
C TYR A 407 -7.94 -9.15 11.52
N TYR A 408 -8.32 -9.92 10.50
CA TYR A 408 -9.53 -10.72 10.59
C TYR A 408 -9.35 -12.01 11.36
N PHE A 409 -8.17 -12.61 11.29
CA PHE A 409 -7.90 -13.88 11.99
C PHE A 409 -7.34 -13.62 13.38
N SER A 410 -8.17 -12.97 14.20
CA SER A 410 -7.81 -12.69 15.58
C SER A 410 -8.93 -12.99 16.57
N SER A 411 -10.06 -13.50 16.11
CA SER A 411 -11.15 -13.85 17.00
C SER A 411 -10.79 -15.11 17.79
N PRO A 412 -10.77 -15.07 19.12
CA PRO A 412 -10.46 -16.24 19.96
C PRO A 412 -11.46 -17.37 19.78
C10 OKL B . 3.07 0.89 -9.07
C12 OKL B . 3.85 -0.28 -9.03
C13 OKL B . 4.69 -0.56 -10.08
C15 OKL B . 4.88 -2.15 -8.63
C01 OKL B . 1.76 -2.83 -13.68
C02 OKL B . 3.19 -2.44 -14.04
C03 OKL B . 3.65 -1.20 -13.28
C04 OKL B . 5.16 -1.21 -12.99
C05 OKL B . 5.61 0.05 -12.24
C07 OKL B . 3.98 1.41 -11.12
N06 OKL B . 4.72 0.32 -11.12
N09 OKL B . 3.16 1.71 -10.12
N14 OKL B . 5.32 -1.73 -9.80
N16 OKL B . 3.99 -1.29 -8.14
O08 OKL B . 4.06 2.28 -12.21
O11 OKL B . 2.20 1.20 -8.02
CL17 OKL B . 5.42 -3.66 -7.84
#